data_2ZH1
#
_entry.id   2ZH1
#
_cell.length_a   57.926
_cell.length_b   57.926
_cell.length_c   441.183
_cell.angle_alpha   90.00
_cell.angle_beta   90.00
_cell.angle_gamma   90.00
#
_symmetry.space_group_name_H-M   'P 43 21 2'
#
loop_
_entity.id
_entity.type
_entity.pdbx_description
1 polymer 'RNA (33-MER)'
2 polymer 'CCA-adding enzyme'
3 non-polymer 'SULFATE ION'
4 water water
#
loop_
_entity_poly.entity_id
_entity_poly.type
_entity_poly.pdbx_seq_one_letter_code
_entity_poly.pdbx_strand_id
1 'polyribonucleotide' GGCCCGGGGCGGUUCGAUUCCGCCCUGGGCCAA B
2 'polypeptide(L)'
;MKVEEILEKALELVIPDEEEVRKGREAEEELRRRLDELGVEYVFVGSYARNTWLKGSLEIDVFLLFPEEFSKEELRERGL
EIGKAVLDSYEIRYAEHPYVHGVVKGVEVDVVPCYKLKEPKNIKSAVDRTPFHHKWLEGRIKGKENEVRLLKGFLKANGI
YGAEYKVRGFSGYLCELLIVFYGSFLETVKNARRWTRRTVIDVAKGEVRKGEEFFVVDPVDEKRNVAANLSLDNLARFVH
LCREFMEAPSLGFFKPKHPLEIEPERLRKIVEERGTAVFAVKFRKPDIVDDNLYPQLERASRKIFEFLERENFMPLRSAF
KASEEFCYLLFECQIKEISRVFRRMGPQFEDERNVKKFLSRNRAFRPFIENGRWWAFEMRKFTTPEEGVRSYASTHWHTL
GKNVGESIREYFEIISGEKLFKEPVTAELCEMMGVKD
;
A
#
# COMPACT_ATOMS: atom_id res chain seq x y z
N MET B 1 19.79 23.16 -14.27
CA MET B 1 19.82 21.94 -13.53
C MET B 1 20.44 22.05 -12.19
N LYS B 2 19.89 22.97 -11.49
CA LYS B 2 20.07 22.92 -10.04
C LYS B 2 18.64 22.86 -9.51
N VAL B 3 18.48 22.47 -8.25
CA VAL B 3 17.15 22.35 -7.67
C VAL B 3 16.12 23.38 -8.15
N GLU B 4 16.45 24.66 -8.03
CA GLU B 4 15.57 25.76 -8.40
C GLU B 4 15.19 25.70 -9.87
N GLU B 5 16.19 25.44 -10.71
CA GLU B 5 15.99 25.34 -12.15
C GLU B 5 14.91 24.28 -12.40
N ILE B 6 15.09 23.11 -11.77
CA ILE B 6 14.18 21.98 -11.92
C ILE B 6 12.78 22.19 -11.33
N LEU B 7 12.70 22.69 -10.10
CA LEU B 7 11.39 22.90 -9.48
C LEU B 7 10.55 23.88 -10.31
N GLU B 8 11.22 24.78 -11.02
CA GLU B 8 10.52 25.75 -11.85
C GLU B 8 9.67 25.03 -12.89
N LYS B 9 10.24 23.98 -13.45
CA LYS B 9 9.57 23.20 -14.48
C LYS B 9 8.62 22.17 -13.89
N ALA B 10 8.89 21.75 -12.66
CA ALA B 10 8.03 20.77 -11.99
C ALA B 10 6.65 21.36 -11.76
N LEU B 11 6.60 22.58 -11.25
CA LEU B 11 5.33 23.24 -11.00
C LEU B 11 4.39 23.07 -12.19
N GLU B 12 4.99 22.99 -13.38
CA GLU B 12 4.25 22.86 -14.63
C GLU B 12 3.55 21.50 -14.81
N LEU B 13 3.92 20.54 -13.97
CA LEU B 13 3.34 19.19 -14.03
C LEU B 13 2.42 18.92 -12.83
N VAL B 14 2.64 19.65 -11.73
CA VAL B 14 1.84 19.46 -10.53
C VAL B 14 0.70 20.46 -10.37
N ILE B 15 0.91 21.69 -10.83
CA ILE B 15 -0.12 22.73 -10.71
C ILE B 15 -1.14 22.68 -11.87
N PRO B 16 -2.45 22.62 -11.53
CA PRO B 16 -3.57 22.58 -12.48
C PRO B 16 -3.66 23.86 -13.30
N ASP B 17 -3.65 23.73 -14.62
CA ASP B 17 -3.73 24.90 -15.51
C ASP B 17 -5.05 25.64 -15.27
N GLU B 18 -5.23 26.80 -15.93
CA GLU B 18 -6.44 27.60 -15.73
C GLU B 18 -7.80 26.96 -16.03
N GLU B 19 -7.83 26.11 -17.05
CA GLU B 19 -9.07 25.44 -17.47
C GLU B 19 -9.51 24.31 -16.53
N GLU B 20 -8.60 23.85 -15.69
CA GLU B 20 -8.91 22.79 -14.73
C GLU B 20 -9.31 23.41 -13.40
N VAL B 21 -8.69 24.54 -13.08
CA VAL B 21 -8.99 25.27 -11.86
C VAL B 21 -10.38 25.89 -12.03
N ARG B 22 -10.60 26.46 -13.21
CA ARG B 22 -11.86 27.09 -13.56
C ARG B 22 -12.97 26.05 -13.47
N LYS B 23 -12.92 25.06 -14.36
CA LYS B 23 -13.89 23.97 -14.38
C LYS B 23 -14.26 23.47 -12.98
N GLY B 24 -13.31 23.59 -12.05
CA GLY B 24 -13.56 23.26 -10.66
C GLY B 24 -14.38 24.30 -9.94
N ARG B 25 -14.02 25.57 -10.14
CA ARG B 25 -14.73 26.69 -9.53
C ARG B 25 -16.22 26.65 -9.92
N GLU B 26 -16.50 26.49 -11.21
CA GLU B 26 -17.89 26.44 -11.68
C GLU B 26 -18.66 25.28 -11.05
N ALA B 27 -17.95 24.20 -10.74
CA ALA B 27 -18.57 23.06 -10.11
C ALA B 27 -18.96 23.46 -8.68
N GLU B 28 -17.97 23.88 -7.89
CA GLU B 28 -18.17 24.33 -6.51
C GLU B 28 -19.29 25.37 -6.45
N GLU B 29 -19.22 26.37 -7.31
CA GLU B 29 -20.24 27.42 -7.37
C GLU B 29 -21.61 26.73 -7.42
N GLU B 30 -21.87 26.01 -8.53
CA GLU B 30 -23.13 25.30 -8.70
C GLU B 30 -23.44 24.32 -7.56
N LEU B 31 -22.43 23.58 -7.12
CA LEU B 31 -22.63 22.62 -6.04
C LEU B 31 -23.06 23.38 -4.79
N ARG B 32 -22.50 24.56 -4.61
CA ARG B 32 -22.83 25.43 -3.46
C ARG B 32 -24.31 25.79 -3.47
N ARG B 33 -24.78 26.30 -4.60
CA ARG B 33 -26.16 26.71 -4.77
C ARG B 33 -27.17 25.62 -4.49
N ARG B 34 -26.98 24.46 -5.13
CA ARG B 34 -27.88 23.33 -4.95
C ARG B 34 -28.09 23.06 -3.47
N LEU B 35 -26.99 23.09 -2.73
CA LEU B 35 -27.02 22.87 -1.30
C LEU B 35 -27.78 23.98 -0.57
N ASP B 36 -27.57 25.21 -1.03
CA ASP B 36 -28.23 26.35 -0.39
C ASP B 36 -29.74 26.34 -0.60
N GLU B 37 -30.17 25.89 -1.78
CA GLU B 37 -31.60 25.83 -2.07
C GLU B 37 -32.26 24.70 -1.30
N LEU B 38 -31.46 23.79 -0.76
CA LEU B 38 -32.02 22.71 0.04
C LEU B 38 -31.70 23.12 1.47
N GLY B 39 -31.02 24.25 1.58
CA GLY B 39 -30.62 24.78 2.87
C GLY B 39 -29.97 23.71 3.70
N VAL B 40 -28.80 23.25 3.28
CA VAL B 40 -28.11 22.20 4.02
C VAL B 40 -26.81 22.70 4.64
N GLU B 41 -26.51 22.24 5.84
CA GLU B 41 -25.30 22.66 6.51
C GLU B 41 -24.14 21.77 6.07
N TYR B 42 -23.25 22.36 5.30
CA TYR B 42 -22.09 21.67 4.76
C TYR B 42 -20.81 22.46 4.94
N VAL B 43 -19.70 21.85 4.55
CA VAL B 43 -18.39 22.46 4.61
C VAL B 43 -17.45 21.71 3.68
N PHE B 44 -16.84 22.44 2.74
CA PHE B 44 -15.89 21.85 1.81
C PHE B 44 -14.58 21.58 2.55
N VAL B 45 -14.08 20.37 2.41
CA VAL B 45 -12.83 19.95 3.06
C VAL B 45 -11.95 19.30 1.99
N GLY B 46 -10.86 18.67 2.38
CA GLY B 46 -10.00 18.04 1.41
C GLY B 46 -9.21 19.03 0.56
N SER B 47 -8.29 18.51 -0.24
CA SER B 47 -7.42 19.35 -1.07
C SER B 47 -8.08 20.36 -2.00
N TYR B 48 -9.34 20.18 -2.35
CA TYR B 48 -9.96 21.16 -3.22
C TYR B 48 -10.19 22.46 -2.45
N ALA B 49 -10.74 22.34 -1.25
CA ALA B 49 -11.02 23.51 -0.43
C ALA B 49 -9.75 24.28 -0.14
N ARG B 50 -8.64 23.56 0.04
CA ARG B 50 -7.36 24.19 0.34
C ARG B 50 -6.44 24.34 -0.87
N ASN B 51 -7.03 24.33 -2.06
CA ASN B 51 -6.29 24.48 -3.31
C ASN B 51 -4.97 23.71 -3.30
N THR B 52 -4.94 22.55 -2.65
CA THR B 52 -3.73 21.74 -2.57
C THR B 52 -3.83 20.50 -3.44
N TRP B 53 -4.73 20.50 -4.41
CA TRP B 53 -4.89 19.32 -5.26
C TRP B 53 -3.92 19.28 -6.43
N LEU B 54 -3.43 18.08 -6.71
CA LEU B 54 -2.47 17.88 -7.78
C LEU B 54 -3.13 17.96 -9.15
N LYS B 55 -2.42 18.61 -10.07
CA LYS B 55 -2.89 18.79 -11.44
C LYS B 55 -3.50 17.51 -12.00
N GLY B 56 -4.82 17.50 -12.23
CA GLY B 56 -5.45 16.33 -12.78
C GLY B 56 -6.18 15.39 -11.83
N SER B 57 -6.21 15.72 -10.54
CA SER B 57 -6.90 14.89 -9.55
C SER B 57 -7.98 15.72 -8.89
N LEU B 58 -8.66 16.52 -9.71
CA LEU B 58 -9.72 17.39 -9.23
C LEU B 58 -10.88 16.59 -8.63
N GLU B 59 -11.04 16.71 -7.32
CA GLU B 59 -12.12 16.02 -6.61
C GLU B 59 -12.55 16.87 -5.41
N ILE B 60 -13.82 17.28 -5.42
CA ILE B 60 -14.38 18.10 -4.35
C ILE B 60 -14.98 17.25 -3.24
N ASP B 61 -14.63 17.56 -2.00
CA ASP B 61 -15.14 16.80 -0.86
C ASP B 61 -16.08 17.64 0.01
N VAL B 62 -17.37 17.29 0.02
CA VAL B 62 -18.36 18.03 0.79
C VAL B 62 -18.90 17.26 1.99
N PHE B 63 -18.54 17.73 3.18
CA PHE B 63 -18.99 17.09 4.41
C PHE B 63 -20.25 17.76 4.97
N LEU B 64 -21.25 16.95 5.28
CA LEU B 64 -22.50 17.45 5.83
C LEU B 64 -22.46 17.37 7.34
N LEU B 65 -22.56 18.53 7.99
CA LEU B 65 -22.53 18.57 9.45
C LEU B 65 -23.89 18.20 10.07
N PHE B 66 -23.87 17.21 10.95
CA PHE B 66 -25.10 16.77 11.60
C PHE B 66 -25.07 16.96 13.10
N PRO B 67 -26.25 17.19 13.70
CA PRO B 67 -26.31 17.37 15.15
C PRO B 67 -25.71 16.19 15.87
N GLU B 68 -25.02 16.47 16.96
CA GLU B 68 -24.37 15.44 17.73
C GLU B 68 -25.31 14.31 18.15
N GLU B 69 -26.57 14.64 18.46
CA GLU B 69 -27.55 13.66 18.92
C GLU B 69 -28.13 12.70 17.89
N PHE B 70 -27.92 12.96 16.61
CA PHE B 70 -28.42 12.09 15.56
C PHE B 70 -27.79 10.69 15.59
N SER B 71 -28.56 9.70 15.14
CA SER B 71 -28.09 8.33 15.09
C SER B 71 -27.24 8.18 13.81
N LYS B 72 -26.37 7.18 13.75
CA LYS B 72 -25.56 6.97 12.56
C LYS B 72 -26.53 6.74 11.39
N GLU B 73 -27.57 5.95 11.66
CA GLU B 73 -28.61 5.60 10.70
C GLU B 73 -29.23 6.85 10.06
N GLU B 74 -29.59 7.83 10.87
CA GLU B 74 -30.17 9.06 10.33
C GLU B 74 -29.15 9.72 9.43
N LEU B 75 -27.90 9.75 9.89
CA LEU B 75 -26.83 10.36 9.09
C LEU B 75 -26.74 9.80 7.67
N ARG B 76 -26.79 8.47 7.52
CA ARG B 76 -26.69 7.90 6.18
C ARG B 76 -27.94 8.14 5.35
N GLU B 77 -29.11 7.92 5.94
CA GLU B 77 -30.36 8.12 5.24
C GLU B 77 -30.54 9.56 4.72
N ARG B 78 -30.28 10.56 5.56
CA ARG B 78 -30.41 11.96 5.13
C ARG B 78 -29.25 12.32 4.22
N GLY B 79 -28.11 11.67 4.45
CA GLY B 79 -26.93 11.92 3.64
C GLY B 79 -27.17 11.35 2.26
N LEU B 80 -27.81 10.19 2.21
CA LEU B 80 -28.12 9.55 0.94
C LEU B 80 -29.16 10.40 0.21
N GLU B 81 -30.10 10.93 0.97
CA GLU B 81 -31.15 11.76 0.41
C GLU B 81 -30.55 13.02 -0.20
N ILE B 82 -29.70 13.68 0.57
CA ILE B 82 -29.05 14.92 0.14
C ILE B 82 -28.12 14.71 -1.04
N GLY B 83 -27.22 13.74 -0.93
CA GLY B 83 -26.30 13.49 -2.03
C GLY B 83 -27.09 13.23 -3.29
N LYS B 84 -28.21 12.54 -3.14
CA LYS B 84 -29.07 12.16 -4.25
C LYS B 84 -29.63 13.36 -5.04
N ALA B 85 -30.35 14.25 -4.36
CA ALA B 85 -30.96 15.40 -4.99
C ALA B 85 -29.98 16.46 -5.45
N VAL B 86 -28.73 16.35 -5.02
CA VAL B 86 -27.72 17.34 -5.39
C VAL B 86 -26.71 16.89 -6.43
N LEU B 87 -26.82 15.65 -6.90
CA LEU B 87 -25.85 15.15 -7.87
C LEU B 87 -26.39 14.80 -9.24
N ASP B 88 -25.74 15.31 -10.28
CA ASP B 88 -26.11 15.01 -11.66
C ASP B 88 -26.23 13.48 -11.77
N SER B 89 -25.19 12.78 -11.29
CA SER B 89 -25.12 11.32 -11.29
C SER B 89 -24.68 10.94 -9.88
N TYR B 90 -25.34 9.95 -9.27
CA TYR B 90 -24.95 9.57 -7.93
C TYR B 90 -24.68 8.08 -7.83
N GLU B 91 -23.77 7.72 -6.94
CA GLU B 91 -23.38 6.32 -6.76
C GLU B 91 -23.04 6.11 -5.29
N ILE B 92 -23.51 5.03 -4.68
CA ILE B 92 -23.23 4.77 -3.27
C ILE B 92 -21.91 4.05 -3.03
N ARG B 93 -20.98 4.74 -2.39
CA ARG B 93 -19.68 4.16 -2.09
C ARG B 93 -19.62 3.75 -0.62
N TYR B 94 -18.52 3.15 -0.22
CA TYR B 94 -18.36 2.72 1.18
C TYR B 94 -16.92 2.89 1.64
N ALA B 95 -16.76 2.97 2.96
CA ALA B 95 -15.47 3.12 3.62
C ALA B 95 -15.98 2.84 5.03
N GLU B 96 -15.49 3.60 6.01
CA GLU B 96 -15.79 3.29 7.40
C GLU B 96 -17.31 3.23 7.53
N HIS B 97 -17.97 4.01 6.69
CA HIS B 97 -19.42 4.11 6.62
C HIS B 97 -19.77 4.36 5.17
N PRO B 98 -21.05 4.27 4.83
CA PRO B 98 -21.47 4.50 3.44
C PRO B 98 -21.67 5.99 3.16
N TYR B 99 -21.26 6.42 1.96
CA TYR B 99 -21.43 7.80 1.55
C TYR B 99 -21.75 7.86 0.07
N VAL B 100 -22.16 9.02 -0.43
CA VAL B 100 -22.50 9.14 -1.85
C VAL B 100 -21.37 9.78 -2.64
N HIS B 101 -21.16 9.28 -3.85
CA HIS B 101 -20.15 9.83 -4.76
C HIS B 101 -20.87 10.18 -6.04
N GLY B 102 -20.53 11.31 -6.65
CA GLY B 102 -21.21 11.69 -7.87
C GLY B 102 -20.42 12.63 -8.77
N VAL B 103 -21.14 13.41 -9.57
CA VAL B 103 -20.51 14.35 -10.50
C VAL B 103 -21.38 15.60 -10.67
N VAL B 104 -20.76 16.77 -10.61
CA VAL B 104 -21.47 18.03 -10.78
C VAL B 104 -20.73 18.86 -11.84
N LYS B 105 -21.46 19.39 -12.81
CA LYS B 105 -20.86 20.16 -13.91
C LYS B 105 -19.57 19.60 -14.46
N GLY B 106 -19.52 18.27 -14.55
CA GLY B 106 -18.32 17.56 -14.94
C GLY B 106 -17.15 17.38 -13.99
N VAL B 107 -17.39 17.21 -12.68
CA VAL B 107 -16.29 16.98 -11.75
C VAL B 107 -16.68 16.06 -10.60
N GLU B 108 -15.69 15.31 -10.12
CA GLU B 108 -15.88 14.35 -9.03
C GLU B 108 -16.28 14.99 -7.71
N VAL B 109 -17.24 14.37 -7.05
CA VAL B 109 -17.71 14.90 -5.77
C VAL B 109 -18.03 13.81 -4.77
N ASP B 110 -17.59 14.02 -3.53
CA ASP B 110 -17.86 13.09 -2.44
C ASP B 110 -18.77 13.83 -1.48
N VAL B 111 -19.84 13.17 -1.05
CA VAL B 111 -20.78 13.78 -0.12
C VAL B 111 -20.83 12.92 1.14
N VAL B 112 -19.94 13.24 2.08
CA VAL B 112 -19.81 12.50 3.32
C VAL B 112 -20.55 13.06 4.52
N PRO B 113 -21.28 12.19 5.24
CA PRO B 113 -22.02 12.63 6.42
C PRO B 113 -21.12 12.50 7.65
N CYS B 114 -21.21 13.46 8.57
CA CYS B 114 -20.43 13.44 9.79
C CYS B 114 -21.12 14.31 10.82
N TYR B 115 -20.70 14.23 12.08
CA TYR B 115 -21.32 15.03 13.13
C TYR B 115 -20.67 16.41 13.30
N LYS B 116 -21.48 17.43 13.51
CA LYS B 116 -20.94 18.76 13.73
C LYS B 116 -20.48 18.74 15.19
N LEU B 117 -19.18 18.85 15.41
CA LEU B 117 -18.65 18.77 16.77
C LEU B 117 -17.68 19.89 17.12
N LYS B 118 -17.35 20.00 18.40
CA LYS B 118 -16.32 20.93 18.81
C LYS B 118 -15.50 20.14 19.81
N GLU B 119 -14.18 20.18 19.61
CA GLU B 119 -13.22 19.46 20.45
C GLU B 119 -13.06 18.03 19.94
N PRO B 120 -11.85 17.69 19.44
CA PRO B 120 -11.48 16.37 18.90
C PRO B 120 -12.10 15.19 19.65
N LYS B 121 -12.17 15.28 20.98
CA LYS B 121 -12.79 14.20 21.77
C LYS B 121 -14.20 14.09 21.20
N ASN B 122 -14.89 12.98 21.46
CA ASN B 122 -16.26 12.77 20.98
C ASN B 122 -16.39 12.43 19.50
N ILE B 123 -15.27 12.47 18.78
CA ILE B 123 -15.20 11.94 17.42
C ILE B 123 -15.60 10.46 17.50
N LYS B 124 -16.58 10.06 16.69
CA LYS B 124 -17.05 8.67 16.70
C LYS B 124 -16.49 7.84 15.53
N SER B 125 -16.10 8.52 14.45
CA SER B 125 -15.54 7.87 13.26
C SER B 125 -14.47 8.78 12.66
N ALA B 126 -13.48 8.19 12.00
CA ALA B 126 -12.42 8.98 11.39
C ALA B 126 -13.00 10.21 10.69
N VAL B 127 -14.11 10.03 9.97
CA VAL B 127 -14.74 11.13 9.23
C VAL B 127 -15.13 12.35 10.06
N ASP B 128 -15.25 12.20 11.37
CA ASP B 128 -15.60 13.32 12.24
C ASP B 128 -14.37 14.20 12.43
N ARG B 129 -13.21 13.55 12.39
CA ARG B 129 -11.93 14.23 12.57
C ARG B 129 -11.59 15.07 11.34
N THR B 130 -12.06 14.62 10.18
CA THR B 130 -11.79 15.34 8.94
C THR B 130 -12.06 16.84 9.08
N PRO B 131 -13.18 17.22 9.69
CA PRO B 131 -13.43 18.66 9.82
C PRO B 131 -12.35 19.41 10.63
N PHE B 132 -11.89 18.80 11.71
CA PHE B 132 -10.87 19.43 12.54
C PHE B 132 -9.57 19.53 11.73
N HIS B 133 -9.16 18.43 11.12
CA HIS B 133 -7.95 18.43 10.31
C HIS B 133 -7.96 19.58 9.32
N HIS B 134 -9.07 19.73 8.62
CA HIS B 134 -9.16 20.79 7.65
C HIS B 134 -9.09 22.13 8.36
N LYS B 135 -9.75 22.22 9.50
CA LYS B 135 -9.75 23.46 10.26
C LYS B 135 -8.36 23.86 10.71
N TRP B 136 -7.59 22.88 11.16
CA TRP B 136 -6.23 23.11 11.63
C TRP B 136 -5.30 23.45 10.48
N LEU B 137 -5.64 22.96 9.29
CA LEU B 137 -4.81 23.16 8.13
C LEU B 137 -5.02 24.42 7.31
N GLU B 138 -6.28 24.84 7.15
CA GLU B 138 -6.56 26.01 6.31
C GLU B 138 -5.73 27.27 6.54
N GLY B 139 -5.56 27.68 7.80
CA GLY B 139 -4.79 28.88 8.05
C GLY B 139 -3.29 28.72 7.90
N ARG B 140 -2.78 27.51 8.11
CA ARG B 140 -1.35 27.26 8.04
C ARG B 140 -0.75 26.84 6.72
N ILE B 141 -1.56 26.37 5.78
CA ILE B 141 -0.99 25.94 4.50
C ILE B 141 -1.13 27.04 3.46
N LYS B 142 -1.86 28.08 3.84
CA LYS B 142 -2.08 29.20 2.94
C LYS B 142 -0.73 29.78 2.50
N GLY B 143 -0.55 29.92 1.18
CA GLY B 143 0.69 30.46 0.66
C GLY B 143 1.76 29.43 0.41
N LYS B 144 1.41 28.14 0.52
CA LYS B 144 2.38 27.08 0.30
C LYS B 144 1.78 25.92 -0.49
N GLU B 145 0.58 26.13 -1.00
CA GLU B 145 -0.13 25.12 -1.77
C GLU B 145 0.73 24.46 -2.85
N ASN B 146 1.53 25.23 -3.56
CA ASN B 146 2.33 24.64 -4.62
C ASN B 146 3.48 23.82 -4.07
N GLU B 147 3.91 24.14 -2.86
CA GLU B 147 4.96 23.36 -2.24
C GLU B 147 4.38 21.96 -2.01
N VAL B 148 3.12 21.92 -1.57
CA VAL B 148 2.43 20.66 -1.34
C VAL B 148 2.32 19.88 -2.65
N ARG B 149 1.92 20.59 -3.71
CA ARG B 149 1.79 19.97 -5.02
C ARG B 149 3.07 19.34 -5.51
N LEU B 150 4.20 20.02 -5.32
CA LEU B 150 5.47 19.48 -5.75
C LEU B 150 5.72 18.18 -4.99
N LEU B 151 5.45 18.19 -3.69
CA LEU B 151 5.66 17.01 -2.85
C LEU B 151 4.73 15.86 -3.20
N LYS B 152 3.54 16.16 -3.71
CA LYS B 152 2.61 15.11 -4.07
C LYS B 152 3.02 14.50 -5.41
N GLY B 153 3.51 15.35 -6.31
CA GLY B 153 3.92 14.86 -7.61
C GLY B 153 5.08 13.90 -7.47
N PHE B 154 6.04 14.31 -6.65
CA PHE B 154 7.24 13.52 -6.36
C PHE B 154 6.81 12.11 -5.93
N LEU B 155 6.06 12.05 -4.82
CA LEU B 155 5.58 10.79 -4.26
C LEU B 155 4.73 9.99 -5.25
N LYS B 156 3.90 10.68 -6.02
CA LYS B 156 3.04 10.03 -7.01
C LYS B 156 3.93 9.44 -8.11
N ALA B 157 4.87 10.23 -8.60
CA ALA B 157 5.76 9.76 -9.65
C ALA B 157 6.60 8.55 -9.25
N ASN B 158 6.99 8.49 -7.98
CA ASN B 158 7.80 7.37 -7.54
C ASN B 158 6.97 6.30 -6.87
N GLY B 159 5.70 6.22 -7.27
CA GLY B 159 4.77 5.22 -6.77
C GLY B 159 4.53 5.06 -5.28
N ILE B 160 4.56 6.15 -4.54
CA ILE B 160 4.35 6.08 -3.10
C ILE B 160 3.46 7.20 -2.57
N TYR B 161 2.58 7.72 -3.40
CA TYR B 161 1.70 8.79 -2.96
C TYR B 161 0.50 8.41 -2.13
N GLY B 162 -0.18 7.33 -2.43
CA GLY B 162 -1.34 7.00 -1.61
C GLY B 162 -1.10 6.27 -0.31
N ALA B 163 -2.06 6.37 0.61
CA ALA B 163 -1.96 5.70 1.90
C ALA B 163 -2.83 4.44 1.97
N GLU B 164 -3.63 4.19 0.94
CA GLU B 164 -4.46 2.98 0.91
C GLU B 164 -3.52 1.76 0.87
N TYR B 165 -4.05 0.58 1.18
CA TYR B 165 -3.21 -0.61 1.21
C TYR B 165 -2.50 -1.01 -0.08
N LYS B 166 -2.95 -0.51 -1.22
CA LYS B 166 -2.28 -0.85 -2.47
C LYS B 166 -0.97 -0.07 -2.63
N VAL B 167 -0.75 0.93 -1.79
CA VAL B 167 0.45 1.75 -1.87
C VAL B 167 1.23 1.82 -0.57
N ARG B 168 0.52 2.01 0.54
CA ARG B 168 1.18 2.12 1.83
C ARG B 168 2.21 3.23 1.77
N GLY B 169 1.82 4.34 1.15
CA GLY B 169 2.69 5.49 1.03
C GLY B 169 2.25 6.65 1.90
N PHE B 170 2.48 7.87 1.42
CA PHE B 170 2.15 9.09 2.16
C PHE B 170 0.80 9.70 1.83
N SER B 171 -0.14 9.71 2.78
CA SER B 171 -1.45 10.31 2.52
C SER B 171 -1.34 11.80 2.22
N GLY B 172 -2.40 12.36 1.66
CA GLY B 172 -2.40 13.77 1.35
C GLY B 172 -2.24 14.66 2.58
N TYR B 173 -2.90 14.27 3.69
CA TYR B 173 -2.84 15.03 4.93
C TYR B 173 -1.42 15.01 5.47
N LEU B 174 -0.74 13.90 5.26
CA LEU B 174 0.63 13.75 5.72
C LEU B 174 1.49 14.74 4.96
N CYS B 175 1.16 14.91 3.67
CA CYS B 175 1.92 15.81 2.83
C CYS B 175 1.88 17.27 3.25
N GLU B 176 0.72 17.76 3.64
CA GLU B 176 0.58 19.14 4.04
C GLU B 176 1.17 19.37 5.42
N LEU B 177 1.02 18.40 6.31
CA LEU B 177 1.61 18.54 7.64
C LEU B 177 3.11 18.69 7.42
N LEU B 178 3.69 17.86 6.57
CA LEU B 178 5.12 17.95 6.30
C LEU B 178 5.55 19.36 5.83
N ILE B 179 4.77 19.98 4.95
CA ILE B 179 5.09 21.31 4.45
C ILE B 179 4.95 22.32 5.58
N VAL B 180 3.84 22.25 6.31
CA VAL B 180 3.65 23.16 7.42
C VAL B 180 4.90 23.08 8.29
N PHE B 181 5.38 21.87 8.52
CA PHE B 181 6.54 21.65 9.35
C PHE B 181 7.86 22.13 8.77
N TYR B 182 8.16 21.74 7.54
CA TYR B 182 9.43 22.13 6.93
C TYR B 182 9.43 23.43 6.11
N GLY B 183 8.25 24.01 5.91
CA GLY B 183 8.17 25.26 5.16
C GLY B 183 8.10 25.18 3.64
N SER B 184 8.52 24.06 3.07
CA SER B 184 8.50 23.90 1.61
C SER B 184 8.90 22.49 1.16
N PHE B 185 8.72 22.21 -0.12
CA PHE B 185 9.08 20.90 -0.66
C PHE B 185 10.55 20.59 -0.46
N LEU B 186 11.42 21.49 -0.89
CA LEU B 186 12.86 21.28 -0.75
C LEU B 186 13.30 21.08 0.69
N GLU B 187 12.84 21.92 1.62
CA GLU B 187 13.22 21.75 3.02
C GLU B 187 12.82 20.36 3.49
N THR B 188 11.63 19.95 3.07
CA THR B 188 11.12 18.65 3.44
C THR B 188 12.09 17.61 2.89
N VAL B 189 12.44 17.74 1.62
CA VAL B 189 13.37 16.81 0.99
C VAL B 189 14.75 16.83 1.65
N LYS B 190 15.29 18.02 1.85
CA LYS B 190 16.60 18.15 2.47
C LYS B 190 16.68 17.50 3.84
N ASN B 191 15.64 17.67 4.65
CA ASN B 191 15.65 17.09 5.98
C ASN B 191 15.35 15.60 6.02
N ALA B 192 14.51 15.15 5.10
CA ALA B 192 14.14 13.76 5.02
C ALA B 192 15.38 12.87 4.88
N ARG B 193 16.42 13.38 4.23
CA ARG B 193 17.64 12.61 4.04
C ARG B 193 18.25 12.11 5.34
N ARG B 194 17.87 12.72 6.46
CA ARG B 194 18.38 12.35 7.79
C ARG B 194 17.31 11.61 8.58
N TRP B 195 16.24 11.18 7.92
CA TRP B 195 15.18 10.44 8.58
C TRP B 195 15.64 9.00 8.80
N THR B 196 15.27 8.44 9.93
CA THR B 196 15.61 7.06 10.24
C THR B 196 14.29 6.37 10.48
N ARG B 197 14.33 5.07 10.78
CA ARG B 197 13.11 4.30 11.03
C ARG B 197 12.61 4.58 12.46
N ARG B 198 13.30 5.46 13.16
CA ARG B 198 12.94 5.79 14.54
C ARG B 198 12.51 7.24 14.71
N THR B 199 12.46 7.98 13.61
CA THR B 199 12.08 9.39 13.63
C THR B 199 10.59 9.67 13.96
N VAL B 200 10.37 10.66 14.81
CA VAL B 200 9.03 11.08 15.20
C VAL B 200 8.89 12.59 14.90
N ILE B 201 7.83 12.96 14.19
CA ILE B 201 7.63 14.37 13.84
C ILE B 201 6.35 14.90 14.51
N ASP B 202 6.55 15.73 15.54
CA ASP B 202 5.45 16.32 16.29
C ASP B 202 5.14 17.72 15.78
N VAL B 203 4.35 17.79 14.73
CA VAL B 203 3.97 19.05 14.12
C VAL B 203 3.56 20.12 15.15
N ALA B 204 2.73 19.71 16.10
CA ALA B 204 2.23 20.63 17.12
C ALA B 204 3.32 21.25 17.98
N LYS B 205 4.26 20.43 18.45
CA LYS B 205 5.34 20.96 19.27
C LYS B 205 6.47 21.50 18.41
N GLY B 206 6.31 21.42 17.10
CA GLY B 206 7.36 21.90 16.21
C GLY B 206 8.67 21.23 16.53
N GLU B 207 8.60 19.96 16.93
CA GLU B 207 9.78 19.18 17.35
C GLU B 207 10.01 17.88 16.58
N VAL B 208 11.24 17.40 16.61
CA VAL B 208 11.59 16.14 15.98
C VAL B 208 12.37 15.37 17.01
N ARG B 209 11.92 14.16 17.30
CA ARG B 209 12.60 13.35 18.30
C ARG B 209 12.73 11.89 17.88
N LYS B 210 13.22 11.06 18.80
CA LYS B 210 13.41 9.66 18.53
C LYS B 210 12.37 8.82 19.26
N GLY B 211 11.65 7.99 18.51
CA GLY B 211 10.63 7.13 19.10
C GLY B 211 10.94 5.67 18.85
N GLU B 212 9.91 4.84 18.86
CA GLU B 212 10.09 3.41 18.62
C GLU B 212 9.73 3.02 17.19
N GLU B 213 9.27 3.99 16.42
CA GLU B 213 8.83 3.79 15.03
C GLU B 213 8.67 5.15 14.35
N PHE B 214 8.56 5.15 13.03
CA PHE B 214 8.37 6.42 12.33
C PHE B 214 6.99 6.89 12.77
N PHE B 215 6.92 8.07 13.35
CA PHE B 215 5.66 8.57 13.87
C PHE B 215 5.46 10.06 13.60
N VAL B 216 4.39 10.41 12.90
CA VAL B 216 4.07 11.81 12.63
C VAL B 216 2.82 12.07 13.44
N VAL B 217 2.97 12.70 14.59
CA VAL B 217 1.83 12.96 15.45
C VAL B 217 0.87 14.03 14.95
N ASP B 218 -0.38 13.60 14.82
CA ASP B 218 -1.51 14.39 14.35
C ASP B 218 -1.65 15.61 15.24
N PRO B 219 -1.70 16.81 14.64
CA PRO B 219 -1.85 18.01 15.46
C PRO B 219 -3.18 17.95 16.21
N VAL B 220 -4.15 17.33 15.57
CA VAL B 220 -5.50 17.20 16.11
C VAL B 220 -5.67 16.07 17.12
N ASP B 221 -4.68 15.19 17.23
CA ASP B 221 -4.77 14.06 18.17
C ASP B 221 -3.28 13.80 18.31
N GLU B 222 -2.80 13.87 19.55
CA GLU B 222 -1.45 13.47 19.92
C GLU B 222 -1.19 11.96 19.92
N LYS B 223 -2.24 11.14 19.96
CA LYS B 223 -2.07 9.69 20.00
C LYS B 223 -2.10 9.00 18.63
N ARG B 224 -2.56 9.74 17.63
CA ARG B 224 -2.68 9.22 16.28
C ARG B 224 -1.42 9.45 15.44
N ASN B 225 -1.03 8.45 14.65
CA ASN B 225 0.14 8.59 13.78
C ASN B 225 -0.35 8.80 12.36
N VAL B 226 -0.06 9.96 11.77
CA VAL B 226 -0.51 10.26 10.42
C VAL B 226 0.11 9.37 9.35
N ALA B 227 1.35 8.95 9.58
CA ALA B 227 2.06 8.10 8.64
C ALA B 227 2.00 6.64 9.10
N ALA B 228 1.02 6.31 9.92
CA ALA B 228 0.88 4.95 10.44
C ALA B 228 0.97 3.85 9.37
N ASN B 229 0.27 4.01 8.27
CA ASN B 229 0.32 2.96 7.25
C ASN B 229 1.41 3.14 6.21
N LEU B 230 2.42 3.94 6.52
CA LEU B 230 3.55 4.12 5.61
C LEU B 230 4.45 2.92 5.90
N SER B 231 4.64 2.05 4.92
CA SER B 231 5.45 0.86 5.12
C SER B 231 6.91 1.25 5.33
N LEU B 232 7.64 0.38 6.01
CA LEU B 232 9.05 0.62 6.27
C LEU B 232 9.88 0.79 4.99
N ASP B 233 9.69 -0.08 4.01
CA ASP B 233 10.45 0.02 2.79
C ASP B 233 10.07 1.28 2.01
N ASN B 234 8.79 1.64 2.05
CA ASN B 234 8.33 2.85 1.37
C ASN B 234 8.97 4.08 1.99
N LEU B 235 9.20 4.04 3.29
CA LEU B 235 9.85 5.15 3.97
C LEU B 235 11.30 5.14 3.50
N ALA B 236 11.85 3.94 3.34
CA ALA B 236 13.24 3.77 2.89
C ALA B 236 13.44 4.35 1.50
N ARG B 237 12.58 3.96 0.56
CA ARG B 237 12.70 4.45 -0.79
C ARG B 237 12.65 5.97 -0.85
N PHE B 238 11.83 6.57 0.01
CA PHE B 238 11.70 8.02 0.02
C PHE B 238 12.99 8.69 0.50
N VAL B 239 13.49 8.28 1.67
CA VAL B 239 14.71 8.85 2.20
C VAL B 239 15.82 8.79 1.15
N HIS B 240 15.94 7.63 0.51
CA HIS B 240 16.95 7.43 -0.51
C HIS B 240 16.65 8.27 -1.74
N LEU B 241 15.37 8.45 -2.03
CA LEU B 241 14.99 9.23 -3.18
C LEU B 241 15.34 10.69 -2.99
N CYS B 242 15.27 11.17 -1.76
CA CYS B 242 15.60 12.56 -1.50
C CYS B 242 17.10 12.70 -1.60
N ARG B 243 17.80 11.73 -1.03
CA ARG B 243 19.26 11.73 -1.07
C ARG B 243 19.77 11.83 -2.51
N GLU B 244 19.13 11.13 -3.43
CA GLU B 244 19.56 11.18 -4.83
C GLU B 244 19.21 12.50 -5.47
N PHE B 245 17.95 12.91 -5.35
CA PHE B 245 17.51 14.16 -5.95
C PHE B 245 18.47 15.27 -5.58
N MET B 246 18.77 15.35 -4.29
CA MET B 246 19.68 16.38 -3.82
C MET B 246 21.07 16.26 -4.41
N GLU B 247 21.48 15.05 -4.80
CA GLU B 247 22.80 14.88 -5.37
C GLU B 247 22.86 15.30 -6.83
N ALA B 248 21.73 15.16 -7.52
CA ALA B 248 21.61 15.52 -8.94
C ALA B 248 20.13 15.71 -9.33
N PRO B 249 19.57 16.89 -9.03
CA PRO B 249 18.17 17.24 -9.33
C PRO B 249 17.83 16.97 -10.78
N SER B 250 16.60 16.53 -11.03
CA SER B 250 16.16 16.22 -12.40
C SER B 250 14.65 16.30 -12.49
N LEU B 251 14.15 16.70 -13.65
CA LEU B 251 12.72 16.80 -13.84
C LEU B 251 12.15 15.40 -13.99
N GLY B 252 13.05 14.42 -14.04
CA GLY B 252 12.64 13.03 -14.18
C GLY B 252 12.01 12.45 -12.92
N PHE B 253 12.25 13.11 -11.79
CA PHE B 253 11.72 12.69 -10.50
C PHE B 253 10.23 13.00 -10.35
N PHE B 254 9.69 13.85 -11.21
CA PHE B 254 8.28 14.19 -11.15
C PHE B 254 7.50 13.58 -12.31
N LYS B 255 8.20 12.85 -13.17
CA LYS B 255 7.60 12.20 -14.33
C LYS B 255 7.45 10.73 -14.01
N PRO B 256 6.24 10.19 -14.17
CA PRO B 256 6.02 8.77 -13.89
C PRO B 256 6.96 7.92 -14.73
N LYS B 257 7.48 6.86 -14.13
CA LYS B 257 8.38 5.96 -14.83
C LYS B 257 7.56 5.19 -15.86
N HIS B 258 8.09 5.10 -17.09
CA HIS B 258 7.43 4.37 -18.18
C HIS B 258 7.38 2.87 -17.87
N PRO B 259 6.25 2.20 -18.23
CA PRO B 259 6.10 0.76 -17.97
C PRO B 259 7.33 -0.10 -18.25
N LEU B 260 8.05 0.21 -19.32
CA LEU B 260 9.25 -0.53 -19.73
C LEU B 260 9.11 -2.04 -19.91
N GLU B 261 8.21 -2.41 -20.82
CA GLU B 261 7.83 -3.80 -21.04
C GLU B 261 8.99 -4.53 -21.70
N ILE B 262 9.06 -5.83 -21.46
CA ILE B 262 10.14 -6.68 -21.97
C ILE B 262 9.54 -7.83 -22.81
N GLU B 263 10.19 -8.18 -23.92
CA GLU B 263 9.68 -9.31 -24.73
C GLU B 263 9.87 -10.55 -23.85
N PRO B 264 8.90 -11.47 -23.87
CA PRO B 264 9.08 -12.64 -23.02
C PRO B 264 10.35 -13.45 -23.29
N GLU B 265 10.74 -13.56 -24.55
CA GLU B 265 11.95 -14.33 -24.88
C GLU B 265 13.12 -13.86 -24.04
N ARG B 266 13.30 -12.54 -23.96
CA ARG B 266 14.40 -11.99 -23.16
C ARG B 266 14.26 -12.43 -21.71
N LEU B 267 13.06 -12.25 -21.15
CA LEU B 267 12.80 -12.63 -19.77
C LEU B 267 13.23 -14.08 -19.51
N ARG B 268 12.82 -14.99 -20.38
CA ARG B 268 13.19 -16.40 -20.23
C ARG B 268 14.69 -16.54 -20.04
N LYS B 269 15.46 -16.00 -20.97
CA LYS B 269 16.91 -16.06 -20.92
C LYS B 269 17.46 -15.69 -19.55
N ILE B 270 17.07 -14.51 -19.06
CA ILE B 270 17.54 -14.05 -17.77
C ILE B 270 17.29 -15.12 -16.71
N VAL B 271 16.11 -15.72 -16.74
CA VAL B 271 15.77 -16.76 -15.78
C VAL B 271 16.66 -17.99 -15.97
N GLU B 272 17.01 -18.27 -17.21
CA GLU B 272 17.87 -19.40 -17.55
C GLU B 272 19.23 -19.04 -16.99
N GLU B 273 19.60 -17.77 -17.20
CA GLU B 273 20.86 -17.19 -16.73
C GLU B 273 20.98 -17.20 -15.19
N ARG B 274 19.85 -16.93 -14.52
CA ARG B 274 19.80 -16.91 -13.07
C ARG B 274 19.80 -18.32 -12.48
N GLY B 275 19.37 -19.28 -13.28
CA GLY B 275 19.34 -20.67 -12.88
C GLY B 275 18.40 -20.97 -11.73
N THR B 276 17.53 -20.01 -11.45
CA THR B 276 16.59 -20.18 -10.34
C THR B 276 15.28 -20.75 -10.83
N ALA B 277 14.45 -21.16 -9.87
CA ALA B 277 13.15 -21.70 -10.16
C ALA B 277 12.23 -20.49 -10.07
N VAL B 278 11.43 -20.26 -11.10
CA VAL B 278 10.51 -19.15 -11.09
C VAL B 278 9.14 -19.69 -11.44
N PHE B 279 8.20 -19.49 -10.53
CA PHE B 279 6.84 -19.96 -10.73
C PHE B 279 5.83 -19.02 -10.06
N ALA B 280 4.59 -19.13 -10.48
CA ALA B 280 3.54 -18.30 -9.93
C ALA B 280 2.34 -19.12 -9.56
N VAL B 281 1.60 -18.63 -8.57
CA VAL B 281 0.37 -19.24 -8.08
C VAL B 281 -0.76 -18.44 -8.70
N LYS B 282 -1.64 -19.10 -9.43
CA LYS B 282 -2.76 -18.41 -10.07
C LYS B 282 -4.11 -18.88 -9.56
N PHE B 283 -4.91 -17.94 -9.09
CA PHE B 283 -6.24 -18.24 -8.57
C PHE B 283 -7.12 -17.04 -8.92
N ARG B 284 -8.44 -17.24 -8.89
CA ARG B 284 -9.36 -16.16 -9.24
C ARG B 284 -9.37 -15.05 -8.20
N LYS B 285 -9.48 -13.81 -8.70
CA LYS B 285 -9.53 -12.63 -7.84
C LYS B 285 -10.86 -12.52 -7.13
N PRO B 286 -10.84 -12.46 -5.79
CA PRO B 286 -12.08 -12.35 -5.03
C PRO B 286 -12.70 -11.00 -5.36
N ASP B 287 -14.01 -10.96 -5.52
CA ASP B 287 -14.69 -9.72 -5.85
C ASP B 287 -14.79 -8.80 -4.62
N ILE B 288 -13.65 -8.28 -4.18
CA ILE B 288 -13.59 -7.40 -3.02
C ILE B 288 -12.74 -6.19 -3.35
N VAL B 289 -12.81 -5.16 -2.50
CA VAL B 289 -12.04 -3.95 -2.74
C VAL B 289 -10.57 -4.09 -2.39
N ASP B 290 -9.76 -3.31 -3.10
CA ASP B 290 -8.32 -3.31 -2.93
C ASP B 290 -7.82 -3.22 -1.49
N ASP B 291 -8.59 -2.59 -0.61
CA ASP B 291 -8.18 -2.45 0.79
C ASP B 291 -8.27 -3.75 1.57
N ASN B 292 -9.04 -4.70 1.06
CA ASN B 292 -9.15 -5.98 1.72
C ASN B 292 -8.28 -6.95 0.94
N LEU B 293 -8.31 -6.82 -0.39
CA LEU B 293 -7.56 -7.70 -1.28
C LEU B 293 -6.04 -7.69 -1.11
N TYR B 294 -5.44 -6.51 -1.24
CA TYR B 294 -4.00 -6.42 -1.13
C TYR B 294 -3.42 -6.87 0.20
N PRO B 295 -4.05 -6.53 1.31
CA PRO B 295 -3.43 -7.01 2.55
C PRO B 295 -3.43 -8.53 2.60
N GLN B 296 -4.38 -9.13 1.88
CA GLN B 296 -4.51 -10.59 1.82
C GLN B 296 -3.46 -11.20 0.92
N LEU B 297 -3.20 -10.54 -0.21
CA LEU B 297 -2.18 -11.01 -1.14
C LEU B 297 -0.85 -11.01 -0.38
N GLU B 298 -0.59 -9.93 0.35
CA GLU B 298 0.64 -9.84 1.13
C GLU B 298 0.72 -10.98 2.13
N ARG B 299 -0.40 -11.33 2.75
CA ARG B 299 -0.39 -12.42 3.70
C ARG B 299 -0.05 -13.72 3.00
N ALA B 300 -0.85 -14.03 1.99
CA ALA B 300 -0.65 -15.26 1.23
C ALA B 300 0.81 -15.38 0.76
N SER B 301 1.30 -14.38 0.05
CA SER B 301 2.68 -14.39 -0.42
C SER B 301 3.63 -14.71 0.70
N ARG B 302 3.42 -14.07 1.84
CA ARG B 302 4.30 -14.26 2.98
C ARG B 302 4.26 -15.68 3.54
N LYS B 303 3.05 -16.21 3.75
CA LYS B 303 2.93 -17.56 4.30
C LYS B 303 3.59 -18.59 3.39
N ILE B 304 3.49 -18.39 2.08
CA ILE B 304 4.08 -19.31 1.12
C ILE B 304 5.59 -19.15 1.06
N PHE B 305 6.06 -17.92 1.24
CA PHE B 305 7.49 -17.63 1.23
C PHE B 305 8.13 -18.39 2.39
N GLU B 306 7.51 -18.26 3.55
CA GLU B 306 7.98 -18.90 4.77
C GLU B 306 7.88 -20.41 4.71
N PHE B 307 6.98 -20.91 3.86
CA PHE B 307 6.88 -22.35 3.71
C PHE B 307 8.09 -22.74 2.88
N LEU B 308 8.39 -21.93 1.87
CA LEU B 308 9.51 -22.18 1.02
C LEU B 308 10.84 -22.06 1.75
N GLU B 309 10.98 -21.09 2.65
CA GLU B 309 12.27 -20.99 3.32
C GLU B 309 12.51 -21.98 4.44
N ARG B 310 11.45 -22.46 5.07
CA ARG B 310 11.67 -23.43 6.12
C ARG B 310 11.81 -24.80 5.47
N GLU B 311 11.33 -24.91 4.24
CA GLU B 311 11.40 -26.18 3.54
C GLU B 311 12.68 -26.24 2.71
N ASN B 312 13.60 -25.35 3.04
CA ASN B 312 14.92 -25.26 2.41
C ASN B 312 15.01 -25.02 0.92
N PHE B 313 14.03 -24.33 0.35
CA PHE B 313 14.10 -24.07 -1.08
C PHE B 313 14.80 -22.77 -1.42
N MET B 314 15.27 -22.08 -0.39
CA MET B 314 15.99 -20.82 -0.53
C MET B 314 15.33 -19.79 -1.43
N PRO B 315 14.17 -19.28 -1.01
CA PRO B 315 13.46 -18.28 -1.81
C PRO B 315 14.20 -16.95 -1.79
N LEU B 316 14.09 -16.20 -2.89
CA LEU B 316 14.76 -14.92 -3.00
C LEU B 316 13.94 -13.65 -2.86
N ARG B 317 12.77 -13.63 -3.50
CA ARG B 317 11.79 -12.59 -3.27
C ARG B 317 10.43 -13.11 -3.69
N SER B 318 9.39 -12.42 -3.25
CA SER B 318 8.04 -12.79 -3.62
C SER B 318 7.43 -11.54 -4.16
N ALA B 319 6.27 -11.68 -4.77
CA ALA B 319 5.56 -10.55 -5.33
C ALA B 319 4.15 -10.99 -5.67
N PHE B 320 3.34 -10.05 -6.13
CA PHE B 320 1.97 -10.37 -6.50
C PHE B 320 1.36 -9.30 -7.40
N LYS B 321 0.50 -9.75 -8.31
CA LYS B 321 -0.17 -8.85 -9.23
C LYS B 321 -1.65 -9.17 -9.15
N ALA B 322 -2.49 -8.19 -9.44
CA ALA B 322 -3.93 -8.38 -9.39
C ALA B 322 -4.53 -7.87 -10.68
N SER B 323 -5.49 -8.62 -11.22
CA SER B 323 -6.17 -8.24 -12.46
C SER B 323 -7.68 -8.30 -12.26
N GLU B 324 -8.42 -8.04 -13.34
CA GLU B 324 -9.87 -8.12 -13.26
C GLU B 324 -10.15 -9.60 -13.10
N GLU B 325 -9.45 -10.35 -13.95
CA GLU B 325 -9.51 -11.78 -14.04
C GLU B 325 -8.98 -12.70 -12.92
N PHE B 326 -7.68 -12.58 -12.61
CA PHE B 326 -7.06 -13.34 -11.52
C PHE B 326 -6.00 -12.61 -10.72
N CYS B 327 -5.37 -13.34 -9.80
CA CYS B 327 -4.32 -12.80 -8.95
C CYS B 327 -3.10 -13.71 -9.10
N TYR B 328 -1.92 -13.12 -9.11
CA TYR B 328 -0.73 -13.93 -9.27
C TYR B 328 0.22 -13.76 -8.10
N LEU B 329 0.59 -14.87 -7.49
CA LEU B 329 1.56 -14.82 -6.41
C LEU B 329 2.84 -15.28 -7.11
N LEU B 330 3.85 -14.43 -7.17
CA LEU B 330 5.08 -14.83 -7.84
C LEU B 330 6.18 -15.15 -6.86
N PHE B 331 7.08 -16.04 -7.30
CA PHE B 331 8.19 -16.47 -6.47
C PHE B 331 9.42 -16.80 -7.31
N GLU B 332 10.57 -16.84 -6.64
CA GLU B 332 11.86 -17.18 -7.23
C GLU B 332 12.66 -17.84 -6.13
N CYS B 333 13.20 -19.02 -6.42
CA CYS B 333 13.99 -19.78 -5.46
C CYS B 333 15.36 -20.12 -6.02
N GLN B 334 16.28 -20.49 -5.13
CA GLN B 334 17.63 -20.85 -5.52
C GLN B 334 17.73 -22.35 -5.74
N ILE B 335 16.69 -23.06 -5.29
CA ILE B 335 16.66 -24.51 -5.39
C ILE B 335 15.55 -25.04 -6.27
N LYS B 336 15.91 -25.48 -7.48
CA LYS B 336 14.95 -26.05 -8.42
C LYS B 336 14.55 -27.46 -7.98
N GLU B 337 15.47 -28.17 -7.32
CA GLU B 337 15.21 -29.52 -6.84
C GLU B 337 16.17 -29.91 -5.72
N ILE B 338 15.62 -30.34 -4.58
CA ILE B 338 16.41 -30.77 -3.46
C ILE B 338 16.33 -32.30 -3.36
N SER B 339 17.25 -32.91 -2.62
CA SER B 339 17.24 -34.37 -2.49
C SER B 339 16.02 -34.84 -1.71
N ARG B 340 15.75 -36.14 -1.79
CA ARG B 340 14.63 -36.73 -1.07
C ARG B 340 15.04 -36.89 0.40
N VAL B 341 16.27 -37.34 0.62
CA VAL B 341 16.81 -37.55 1.96
C VAL B 341 17.23 -36.24 2.60
N PHE B 342 17.06 -36.18 3.91
CA PHE B 342 17.47 -35.03 4.71
C PHE B 342 17.73 -35.60 6.11
N ARG B 343 18.43 -34.84 6.97
CA ARG B 343 18.73 -35.33 8.32
C ARG B 343 17.90 -34.70 9.44
N ARG B 344 17.45 -35.56 10.36
CA ARG B 344 16.62 -35.19 11.51
C ARG B 344 17.41 -35.36 12.81
N MET B 345 17.54 -34.27 13.58
CA MET B 345 18.27 -34.31 14.83
C MET B 345 17.53 -35.12 15.88
N GLY B 346 18.23 -36.08 16.47
CA GLY B 346 17.64 -36.91 17.49
C GLY B 346 18.21 -36.55 18.84
N PRO B 347 17.91 -37.33 19.89
CA PRO B 347 18.43 -37.03 21.23
C PRO B 347 19.94 -37.22 21.38
N GLN B 348 20.48 -36.76 22.51
CA GLN B 348 21.90 -36.92 22.77
C GLN B 348 22.11 -38.39 23.19
N PHE B 349 23.28 -38.95 22.93
CA PHE B 349 23.51 -40.37 23.23
C PHE B 349 23.17 -40.89 24.62
N GLU B 350 23.45 -40.11 25.68
CA GLU B 350 23.18 -40.58 27.03
C GLU B 350 21.73 -40.50 27.55
N ASP B 351 20.79 -40.22 26.68
CA ASP B 351 19.40 -40.14 27.11
C ASP B 351 18.96 -41.46 26.46
N GLU B 352 19.01 -42.52 27.25
CA GLU B 352 18.44 -43.82 26.90
C GLU B 352 16.94 -43.80 26.63
N ARG B 353 16.18 -43.06 27.42
CA ARG B 353 14.73 -42.99 27.23
C ARG B 353 14.34 -42.56 25.82
N ASN B 354 14.80 -41.38 25.42
CA ASN B 354 14.45 -40.86 24.11
C ASN B 354 15.15 -41.56 22.95
N VAL B 355 16.41 -41.94 23.13
CA VAL B 355 17.14 -42.63 22.09
C VAL B 355 16.31 -43.83 21.66
N LYS B 356 15.79 -44.55 22.64
CA LYS B 356 15.01 -45.74 22.37
C LYS B 356 13.80 -45.38 21.53
N LYS B 357 13.05 -44.37 21.94
CA LYS B 357 11.90 -43.98 21.15
C LYS B 357 12.37 -43.58 19.76
N PHE B 358 13.37 -42.71 19.67
CA PHE B 358 13.90 -42.26 18.39
C PHE B 358 14.30 -43.42 17.48
N LEU B 359 14.61 -44.56 18.07
CA LEU B 359 15.01 -45.70 17.26
C LEU B 359 13.86 -46.67 16.97
N SER B 360 12.80 -46.61 17.78
CA SER B 360 11.66 -47.49 17.59
C SER B 360 10.96 -47.18 16.26
N ARG B 361 11.19 -45.96 15.77
CA ARG B 361 10.61 -45.49 14.52
C ARG B 361 11.33 -46.15 13.36
N ASN B 362 10.71 -47.16 12.76
CA ASN B 362 11.36 -47.86 11.65
C ASN B 362 11.55 -46.87 10.50
N ARG B 363 12.78 -46.80 10.00
CA ARG B 363 13.07 -45.89 8.91
C ARG B 363 13.73 -46.69 7.81
N ALA B 364 13.82 -46.08 6.64
CA ALA B 364 14.42 -46.74 5.50
C ALA B 364 15.93 -46.74 5.55
N PHE B 365 16.53 -45.82 6.32
CA PHE B 365 17.98 -45.79 6.35
C PHE B 365 18.82 -46.01 7.59
N ARG B 366 18.26 -46.28 8.76
CA ARG B 366 19.13 -46.54 9.90
C ARG B 366 20.05 -45.46 10.48
N PRO B 367 19.61 -44.78 11.55
CA PRO B 367 20.27 -43.59 12.09
C PRO B 367 21.73 -43.79 12.49
N PHE B 368 22.42 -42.70 12.76
CA PHE B 368 23.83 -42.76 13.13
C PHE B 368 24.12 -41.70 14.19
N ILE B 369 25.36 -41.72 14.70
CA ILE B 369 25.79 -40.78 15.72
C ILE B 369 26.77 -39.74 15.15
N GLU B 370 26.74 -38.55 15.72
CA GLU B 370 27.61 -37.48 15.27
C GLU B 370 27.61 -36.63 16.52
N ASN B 371 28.79 -36.22 16.94
CA ASN B 371 28.93 -35.21 17.97
C ASN B 371 28.01 -35.43 19.17
N GLY B 372 28.04 -36.65 19.71
CA GLY B 372 27.27 -36.95 20.89
C GLY B 372 25.78 -37.17 20.76
N ARG B 373 25.22 -37.03 19.57
CA ARG B 373 23.79 -37.26 19.42
C ARG B 373 23.43 -38.06 18.20
N TRP B 374 22.23 -38.62 18.24
CA TRP B 374 21.76 -39.42 17.13
C TRP B 374 21.09 -38.57 16.08
N TRP B 375 21.18 -39.05 14.84
CA TRP B 375 20.58 -38.37 13.70
C TRP B 375 19.90 -39.43 12.86
N ALA B 376 19.00 -39.00 11.99
CA ALA B 376 18.28 -39.94 11.13
C ALA B 376 18.08 -39.40 9.72
N PHE B 377 18.12 -40.31 8.73
CA PHE B 377 17.92 -39.90 7.37
C PHE B 377 16.43 -40.03 7.16
N GLU B 378 15.82 -39.07 6.48
CA GLU B 378 14.40 -39.09 6.26
C GLU B 378 14.11 -38.68 4.81
N MET B 379 12.98 -39.13 4.27
CA MET B 379 12.57 -38.84 2.90
C MET B 379 11.48 -37.77 2.87
N ARG B 380 11.55 -36.86 1.89
CA ARG B 380 10.59 -35.78 1.76
C ARG B 380 9.37 -36.18 0.97
N LYS B 381 8.28 -35.43 1.11
CA LYS B 381 7.05 -35.71 0.36
C LYS B 381 7.10 -34.99 -1.00
N PHE B 382 7.97 -34.00 -1.12
CA PHE B 382 8.13 -33.25 -2.36
C PHE B 382 9.58 -32.79 -2.51
N THR B 383 10.06 -32.72 -3.76
CA THR B 383 11.45 -32.32 -4.00
C THR B 383 11.69 -31.06 -4.83
N THR B 384 10.63 -30.37 -5.21
CA THR B 384 10.78 -29.13 -5.98
C THR B 384 9.94 -28.10 -5.27
N PRO B 385 10.17 -26.80 -5.55
CA PRO B 385 9.39 -25.73 -4.89
C PRO B 385 7.91 -25.85 -5.26
N GLU B 386 7.64 -25.85 -6.56
CA GLU B 386 6.29 -25.95 -7.07
C GLU B 386 5.56 -27.14 -6.47
N GLU B 387 6.26 -28.27 -6.42
CA GLU B 387 5.68 -29.48 -5.89
C GLU B 387 5.30 -29.19 -4.44
N GLY B 388 6.17 -28.48 -3.76
CA GLY B 388 5.90 -28.15 -2.38
C GLY B 388 4.74 -27.21 -2.23
N VAL B 389 4.69 -26.15 -3.04
CA VAL B 389 3.61 -25.16 -2.97
C VAL B 389 2.25 -25.72 -3.40
N ARG B 390 2.23 -26.81 -4.16
CA ARG B 390 0.95 -27.38 -4.53
C ARG B 390 0.41 -28.10 -3.31
N SER B 391 1.33 -28.60 -2.49
CA SER B 391 0.96 -29.31 -1.27
C SER B 391 0.48 -28.32 -0.23
N TYR B 392 1.31 -27.32 0.05
CA TYR B 392 0.99 -26.29 1.03
C TYR B 392 -0.31 -25.55 0.70
N ALA B 393 -0.46 -25.14 -0.55
CA ALA B 393 -1.63 -24.40 -1.01
C ALA B 393 -2.92 -25.21 -0.97
N SER B 394 -2.82 -26.50 -1.23
CA SER B 394 -3.99 -27.36 -1.24
C SER B 394 -4.51 -27.62 0.16
N THR B 395 -3.61 -27.61 1.14
CA THR B 395 -4.01 -27.88 2.50
C THR B 395 -4.06 -26.68 3.43
N HIS B 396 -3.33 -25.62 3.10
CA HIS B 396 -3.33 -24.46 3.98
C HIS B 396 -4.09 -23.26 3.44
N TRP B 397 -4.98 -23.51 2.48
CA TRP B 397 -5.74 -22.42 1.91
C TRP B 397 -6.30 -21.49 2.97
N HIS B 398 -6.85 -22.06 4.04
CA HIS B 398 -7.44 -21.26 5.11
C HIS B 398 -6.54 -20.24 5.80
N THR B 399 -5.23 -20.35 5.65
CA THR B 399 -4.33 -19.41 6.32
C THR B 399 -3.85 -18.30 5.40
N LEU B 400 -4.39 -18.23 4.19
CA LEU B 400 -3.96 -17.22 3.25
C LEU B 400 -4.95 -16.06 3.13
N GLY B 401 -5.67 -15.77 4.21
CA GLY B 401 -6.63 -14.68 4.18
C GLY B 401 -8.00 -15.27 3.99
N LYS B 402 -9.01 -14.62 4.55
CA LYS B 402 -10.39 -15.08 4.46
C LYS B 402 -10.82 -15.23 3.01
N ASN B 403 -10.70 -14.17 2.22
CA ASN B 403 -11.11 -14.23 0.83
C ASN B 403 -10.14 -14.92 -0.10
N VAL B 404 -8.92 -14.39 -0.19
CA VAL B 404 -7.92 -14.99 -1.04
C VAL B 404 -7.87 -16.49 -0.80
N GLY B 405 -7.94 -16.88 0.47
CA GLY B 405 -7.89 -18.29 0.82
C GLY B 405 -9.08 -19.08 0.31
N GLU B 406 -10.28 -18.53 0.49
CA GLU B 406 -11.49 -19.19 0.05
C GLU B 406 -11.47 -19.39 -1.45
N SER B 407 -10.83 -18.47 -2.17
CA SER B 407 -10.73 -18.57 -3.62
C SER B 407 -9.71 -19.61 -4.00
N ILE B 408 -8.57 -19.62 -3.31
CA ILE B 408 -7.52 -20.61 -3.59
C ILE B 408 -8.02 -22.04 -3.35
N ARG B 409 -8.73 -22.24 -2.24
CA ARG B 409 -9.28 -23.55 -1.91
C ARG B 409 -10.16 -24.08 -3.03
N GLU B 410 -10.95 -23.22 -3.65
CA GLU B 410 -11.84 -23.67 -4.72
C GLU B 410 -11.18 -23.75 -6.07
N TYR B 411 -10.02 -23.14 -6.23
CA TYR B 411 -9.32 -23.20 -7.51
C TYR B 411 -7.91 -22.67 -7.28
N PHE B 412 -6.96 -23.22 -8.02
CA PHE B 412 -5.62 -22.65 -8.15
C PHE B 412 -4.78 -23.54 -9.05
N GLU B 413 -3.69 -22.99 -9.57
CA GLU B 413 -2.72 -23.75 -10.34
C GLU B 413 -1.36 -23.10 -10.22
N ILE B 414 -0.31 -23.89 -10.44
CA ILE B 414 1.03 -23.37 -10.38
C ILE B 414 1.60 -23.29 -11.80
N ILE B 415 2.00 -22.10 -12.22
CA ILE B 415 2.53 -21.90 -13.56
C ILE B 415 4.01 -21.58 -13.48
N SER B 416 4.77 -22.06 -14.46
CA SER B 416 6.21 -21.81 -14.50
C SER B 416 6.65 -21.95 -15.94
N GLY B 417 7.93 -21.72 -16.20
CA GLY B 417 8.43 -21.84 -17.55
C GLY B 417 7.81 -20.84 -18.51
N GLU B 418 7.84 -21.18 -19.80
CA GLU B 418 7.29 -20.32 -20.85
C GLU B 418 5.84 -19.97 -20.51
N LYS B 419 5.04 -21.00 -20.28
CA LYS B 419 3.63 -20.83 -19.93
C LYS B 419 3.45 -19.70 -18.91
N LEU B 420 4.49 -19.40 -18.16
CA LEU B 420 4.40 -18.35 -17.16
C LEU B 420 4.68 -17.01 -17.76
N PHE B 421 5.74 -16.94 -18.57
CA PHE B 421 6.20 -15.72 -19.23
C PHE B 421 5.08 -14.93 -19.90
N LYS B 422 4.01 -15.61 -20.28
CA LYS B 422 2.99 -15.02 -21.14
C LYS B 422 1.83 -14.47 -20.30
N GLU B 423 1.81 -14.82 -19.03
CA GLU B 423 0.76 -14.32 -18.14
C GLU B 423 1.06 -12.84 -17.92
N PRO B 424 0.08 -12.10 -17.40
CA PRO B 424 0.17 -10.66 -17.13
C PRO B 424 1.08 -10.30 -15.95
N VAL B 425 2.23 -10.95 -15.84
CA VAL B 425 3.11 -10.68 -14.70
C VAL B 425 4.54 -10.32 -15.07
N THR B 426 4.82 -10.20 -16.36
CA THR B 426 6.16 -9.90 -16.80
C THR B 426 6.78 -8.73 -16.06
N ALA B 427 6.04 -7.65 -15.90
CA ALA B 427 6.56 -6.45 -15.22
C ALA B 427 6.95 -6.70 -13.75
N GLU B 428 6.06 -7.36 -13.03
CA GLU B 428 6.28 -7.68 -11.62
C GLU B 428 7.56 -8.49 -11.43
N LEU B 429 7.78 -9.48 -12.30
CA LEU B 429 8.97 -10.33 -12.25
C LEU B 429 10.24 -9.53 -12.49
N CYS B 430 10.18 -8.57 -13.40
CA CYS B 430 11.35 -7.77 -13.68
C CYS B 430 11.74 -6.93 -12.45
N GLU B 431 10.74 -6.52 -11.68
CA GLU B 431 10.99 -5.75 -10.47
C GLU B 431 11.49 -6.70 -9.37
N MET B 432 10.92 -7.89 -9.32
CA MET B 432 11.28 -8.89 -8.33
C MET B 432 12.72 -9.38 -8.45
N MET B 433 13.27 -9.29 -9.66
CA MET B 433 14.63 -9.72 -9.95
C MET B 433 15.54 -8.56 -10.30
N GLY B 434 15.05 -7.34 -10.14
CA GLY B 434 15.87 -6.20 -10.46
C GLY B 434 16.41 -6.21 -11.88
N VAL B 435 15.63 -6.72 -12.83
CA VAL B 435 16.08 -6.71 -14.22
C VAL B 435 16.32 -5.25 -14.57
N LYS B 436 17.52 -4.88 -15.02
CA LYS B 436 17.74 -3.48 -15.35
C LYS B 436 18.09 -3.26 -16.82
N ASP B 437 18.21 -1.99 -17.23
CA ASP B 437 18.23 -1.55 -18.62
C ASP B 437 16.84 -1.07 -19.09
#